data_3RIP
#
_entry.id   3RIP
#
_cell.length_a   214.950
_cell.length_b   214.950
_cell.length_c   128.660
_cell.angle_alpha   90.00
_cell.angle_beta   90.00
_cell.angle_gamma   120.00
#
_symmetry.space_group_name_H-M   'P 63 2 2'
#
loop_
_entity.id
_entity.type
_entity.pdbx_description
1 polymer 'Gamma-tubulin complex component 4'
2 non-polymer (4R)-2-METHYLPENTANE-2,4-DIOL
3 non-polymer GLYCEROL
4 water water
#
_entity_poly.entity_id   1
_entity_poly.type   'polypeptide(L)'
_entity_poly.pdbx_seq_one_letter_code
;MIHELLLALSGYPGSIFTWNKRSGLQVSQDFPFLHPSETSVLNRLCRLGTDYIRFTEFIEQYTGHVQQQDHHPSQQGQGG
LHGIYLRAFCTGLDSVLQPYRQALLDLEQEFLGDPHLSISHVNYFLDQFQLLFPSVMVVVEQIKSQKIHGCQILETVYKH
SCGGLPPVRSALEKILAVCHGVMYKQLSAWMLHGLLLDQHEEFFIKQGPSSGNVSAQPEEDEEDLGIGGLTGKQLRELQD
LRLIEEENMLAPSLKQFSLRVEILPSYIPVRVAEKILFVGESVQMFENQNVNLTRKGSILKNQEDTFAAELHRLKQQPLF
SLVDFEQVVDRIRSTVAEHLWKLMVEESDLLGQLKIIKDFYLLGRGELFQAFIDTAQHMLKTPPTAVTEHDVNVAFQQSA
HKVLLDDDNLLPLLHLTIEYHGKEHKDATQAREGPSRETSPREAPASGWAALGLSYKVQWPLHILFTPAVLEKYNVVFKY
LLSVRRVQAELQHCWALQMQRKHLKSNQTDAIKWRLRNHMAFLVDNLQYYLQVDVLESQFSQLLHQINSTRDFESIRLAH
DHFLSNLLAQSFILLKPVFHCLNEILDLCHSFCSLVSQNLGPLDERGAAQLSILVKGFSRQSSLLFKILSSVRNHQINSD
LAQLLLRLDYNKYYTQAGGTLGSFGMCGRLEHHHHHH
;
_entity_poly.pdbx_strand_id   A
#
# COMPACT_ATOMS: atom_id res chain seq x y z
N MET A 1 -35.20 -57.37 9.24
N MET A 1 -35.61 -56.23 6.42
CA MET A 1 -34.87 -56.39 8.12
CA MET A 1 -35.27 -56.32 7.86
C MET A 1 -34.67 -54.99 8.73
C MET A 1 -34.89 -54.95 8.50
N ILE A 2 -35.55 -54.61 9.63
CA ILE A 2 -35.41 -53.38 10.29
C ILE A 2 -34.10 -53.28 11.08
N HIS A 3 -33.67 -54.36 11.68
CA HIS A 3 -32.41 -54.33 12.32
C HIS A 3 -31.27 -53.97 11.32
N GLU A 4 -31.22 -54.59 10.17
CA GLU A 4 -30.13 -54.40 9.24
C GLU A 4 -30.20 -52.98 8.65
N LEU A 5 -31.41 -52.50 8.46
CA LEU A 5 -31.64 -51.15 7.98
C LEU A 5 -31.20 -50.03 8.97
N LEU A 6 -31.57 -50.15 10.24
CA LEU A 6 -31.21 -49.21 11.29
C LEU A 6 -29.69 -49.24 11.40
N LEU A 7 -29.11 -50.42 11.37
CA LEU A 7 -27.67 -50.46 11.39
C LEU A 7 -27.05 -49.65 10.22
N ALA A 8 -27.55 -49.87 8.99
CA ALA A 8 -27.01 -49.24 7.76
C ALA A 8 -27.11 -47.69 7.83
N LEU A 9 -28.26 -47.23 8.24
CA LEU A 9 -28.51 -45.86 8.40
C LEU A 9 -27.58 -45.24 9.47
N SER A 10 -26.96 -46.08 10.32
CA SER A 10 -26.09 -45.63 11.38
C SER A 10 -24.63 -45.76 10.94
N GLY A 11 -24.38 -46.25 9.76
CA GLY A 11 -23.03 -46.28 9.39
C GLY A 11 -22.49 -47.64 9.32
N TYR A 12 -23.34 -48.68 9.43
CA TYR A 12 -22.81 -50.01 9.41
C TYR A 12 -23.37 -50.89 8.31
N PRO A 13 -22.75 -50.92 7.15
CA PRO A 13 -23.16 -51.89 6.15
C PRO A 13 -23.02 -53.28 6.75
N GLY A 14 -23.80 -54.26 6.27
CA GLY A 14 -23.60 -55.68 6.66
C GLY A 14 -23.84 -56.52 5.43
N SER A 15 -24.43 -57.69 5.60
CA SER A 15 -24.69 -58.57 4.46
C SER A 15 -26.01 -58.40 3.73
N ILE A 16 -26.87 -57.54 4.24
CA ILE A 16 -28.11 -57.27 3.57
C ILE A 16 -28.05 -55.85 2.96
N PHE A 17 -27.80 -54.80 3.75
CA PHE A 17 -27.47 -53.50 3.17
C PHE A 17 -25.95 -53.47 2.98
N THR A 18 -25.49 -53.80 1.78
CA THR A 18 -24.06 -53.88 1.58
C THR A 18 -23.46 -52.53 1.03
N TRP A 19 -22.15 -52.47 1.04
CA TRP A 19 -21.44 -51.26 0.69
C TRP A 19 -20.64 -51.47 -0.58
N ASN A 20 -21.03 -50.69 -1.59
CA ASN A 20 -20.26 -50.56 -2.82
C ASN A 20 -19.53 -49.20 -2.81
N LYS A 21 -18.21 -49.25 -2.96
CA LYS A 21 -17.36 -48.03 -2.88
C LYS A 21 -17.77 -47.07 -3.98
N ARG A 22 -17.83 -47.62 -5.20
CA ARG A 22 -18.50 -46.94 -6.28
C ARG A 22 -19.83 -46.31 -5.84
N SER A 23 -20.88 -47.09 -5.58
CA SER A 23 -22.22 -46.51 -5.36
C SER A 23 -22.75 -46.38 -3.91
N GLY A 24 -22.01 -46.86 -2.92
CA GLY A 24 -22.53 -46.79 -1.55
C GLY A 24 -23.44 -47.96 -1.13
N LEU A 25 -24.46 -47.65 -0.37
CA LEU A 25 -25.29 -48.65 0.28
C LEU A 25 -26.22 -49.29 -0.74
N GLN A 26 -26.20 -50.60 -0.87
CA GLN A 26 -27.21 -51.30 -1.73
C GLN A 26 -28.00 -52.39 -1.03
N VAL A 27 -29.23 -52.63 -1.51
CA VAL A 27 -30.02 -53.83 -1.12
C VAL A 27 -30.45 -54.63 -2.30
N SER A 28 -30.64 -55.93 -2.10
CA SER A 28 -31.24 -56.74 -3.16
C SER A 28 -32.57 -56.17 -3.62
N GLN A 29 -32.73 -56.13 -4.93
CA GLN A 29 -33.98 -55.73 -5.56
C GLN A 29 -35.00 -56.91 -5.68
N ASP A 30 -34.63 -58.08 -5.15
CA ASP A 30 -35.39 -59.33 -5.37
C ASP A 30 -35.90 -60.02 -4.13
N PHE A 31 -36.11 -59.32 -3.03
CA PHE A 31 -36.73 -60.02 -1.92
C PHE A 31 -38.15 -60.42 -2.36
N PRO A 32 -38.46 -61.72 -2.36
CA PRO A 32 -39.80 -62.10 -2.87
C PRO A 32 -40.93 -61.66 -1.96
N PHE A 33 -40.67 -61.30 -0.74
CA PHE A 33 -41.80 -60.84 0.06
C PHE A 33 -41.94 -59.32 0.18
N LEU A 34 -41.16 -58.57 -0.57
CA LEU A 34 -41.30 -57.12 -0.47
C LEU A 34 -42.09 -56.72 -1.66
N HIS A 35 -43.05 -55.83 -1.46
CA HIS A 35 -43.65 -55.15 -2.60
C HIS A 35 -42.63 -54.23 -3.31
N PRO A 36 -42.81 -54.01 -4.61
CA PRO A 36 -41.94 -53.10 -5.36
C PRO A 36 -41.84 -51.71 -4.74
N SER A 37 -42.93 -51.16 -4.24
CA SER A 37 -42.83 -49.91 -3.61
C SER A 37 -42.09 -50.00 -2.27
N GLU A 38 -41.91 -51.19 -1.69
CA GLU A 38 -41.13 -51.19 -0.46
C GLU A 38 -39.66 -51.31 -0.79
N THR A 39 -39.32 -52.03 -1.82
CA THR A 39 -37.98 -52.04 -2.27
C THR A 39 -37.47 -50.61 -2.63
N SER A 40 -38.39 -49.85 -3.19
CA SER A 40 -38.17 -48.53 -3.61
C SER A 40 -37.86 -47.64 -2.42
N VAL A 41 -38.72 -47.64 -1.40
CA VAL A 41 -38.35 -47.05 -0.12
C VAL A 41 -36.95 -47.53 0.35
N LEU A 42 -36.68 -48.83 0.30
CA LEU A 42 -35.40 -49.22 0.86
C LEU A 42 -34.27 -48.55 0.07
N ASN A 43 -34.52 -48.31 -1.20
CA ASN A 43 -33.47 -47.81 -2.10
C ASN A 43 -33.20 -46.34 -1.69
N ARG A 44 -34.26 -45.63 -1.40
CA ARG A 44 -34.17 -44.26 -1.03
C ARG A 44 -33.53 -44.07 0.34
N LEU A 45 -33.84 -44.98 1.28
CA LEU A 45 -33.17 -45.01 2.54
C LEU A 45 -31.73 -45.36 2.34
N CYS A 46 -31.41 -46.19 1.36
CA CYS A 46 -30.02 -46.43 1.16
C CYS A 46 -29.24 -45.12 0.84
N ARG A 47 -29.84 -44.21 0.07
CA ARG A 47 -29.14 -42.96 -0.29
C ARG A 47 -28.88 -42.18 0.99
N LEU A 48 -29.93 -42.00 1.76
CA LEU A 48 -29.88 -41.34 3.02
C LEU A 48 -28.73 -41.82 3.87
N GLY A 49 -28.55 -43.12 3.97
CA GLY A 49 -27.46 -43.65 4.78
C GLY A 49 -26.13 -43.57 4.08
N THR A 50 -26.14 -43.63 2.77
CA THR A 50 -24.89 -43.43 2.01
C THR A 50 -24.31 -41.96 2.20
N ASP A 51 -25.14 -40.94 2.14
CA ASP A 51 -24.69 -39.61 2.49
C ASP A 51 -24.12 -39.55 3.94
N TYR A 52 -24.89 -40.06 4.92
CA TYR A 52 -24.45 -40.10 6.32
C TYR A 52 -23.07 -40.69 6.40
N ILE A 53 -22.83 -41.76 5.68
CA ILE A 53 -21.56 -42.39 5.84
C ILE A 53 -20.50 -41.51 5.19
N ARG A 54 -20.86 -40.84 4.08
CA ARG A 54 -19.84 -40.09 3.35
C ARG A 54 -19.49 -38.76 4.09
N PHE A 55 -20.49 -38.12 4.70
CA PHE A 55 -20.26 -37.04 5.62
C PHE A 55 -19.27 -37.44 6.70
N THR A 56 -19.65 -38.49 7.43
CA THR A 56 -18.90 -39.00 8.59
C THR A 56 -17.48 -39.25 8.18
N GLU A 57 -17.29 -39.78 6.99
CA GLU A 57 -15.94 -40.07 6.57
C GLU A 57 -15.22 -38.73 6.38
N PHE A 58 -15.93 -37.76 5.80
CA PHE A 58 -15.32 -36.52 5.44
C PHE A 58 -14.86 -35.85 6.72
N ILE A 59 -15.81 -35.68 7.64
CA ILE A 59 -15.60 -35.13 8.93
C ILE A 59 -14.44 -35.79 9.63
N GLU A 60 -14.34 -37.11 9.61
CA GLU A 60 -13.29 -37.74 10.39
C GLU A 60 -11.94 -37.42 9.76
N GLN A 61 -11.92 -37.21 8.46
CA GLN A 61 -10.66 -37.08 7.79
C GLN A 61 -9.98 -35.70 8.02
N TYR A 62 -10.75 -34.68 8.37
CA TYR A 62 -10.29 -33.32 8.40
C TYR A 62 -10.56 -32.69 9.74
N THR A 63 -10.85 -33.49 10.74
CA THR A 63 -10.81 -33.00 12.10
C THR A 63 -9.87 -33.97 12.82
N GLY A 64 -9.75 -33.83 14.15
CA GLY A 64 -8.80 -34.61 14.97
C GLY A 64 -7.36 -34.71 14.44
N HIS A 65 -7.22 -34.95 13.13
CA HIS A 65 -5.95 -35.25 12.39
C HIS A 65 -4.67 -35.32 13.24
N GLY A 79 -1.21 -31.56 -3.23
CA GLY A 79 -1.66 -31.13 -1.89
C GLY A 79 -3.18 -30.93 -1.82
N GLY A 80 -3.85 -31.78 -1.02
CA GLY A 80 -5.30 -31.76 -0.92
C GLY A 80 -5.78 -30.93 0.25
N LEU A 81 -7.05 -31.08 0.58
CA LEU A 81 -7.72 -30.31 1.62
C LEU A 81 -6.97 -30.28 2.96
N HIS A 82 -6.98 -29.11 3.60
CA HIS A 82 -6.46 -28.92 4.96
C HIS A 82 -6.82 -27.53 5.37
N GLY A 83 -6.56 -27.21 6.64
CA GLY A 83 -6.70 -25.85 7.12
C GLY A 83 -7.76 -25.73 8.17
N ILE A 84 -7.88 -24.55 8.77
CA ILE A 84 -8.73 -24.41 9.92
C ILE A 84 -10.12 -24.04 9.50
N TYR A 85 -10.25 -23.52 8.29
CA TYR A 85 -11.58 -23.23 7.79
C TYR A 85 -12.35 -24.55 7.45
N LEU A 86 -11.65 -25.53 6.89
CA LEU A 86 -12.14 -26.88 6.69
C LEU A 86 -12.58 -27.52 8.01
N ARG A 87 -11.68 -27.47 8.99
CA ARG A 87 -11.95 -28.08 10.28
C ARG A 87 -13.21 -27.44 10.76
N ALA A 88 -13.32 -26.14 10.66
CA ALA A 88 -14.53 -25.54 11.25
C ALA A 88 -15.76 -25.91 10.45
N PHE A 89 -15.56 -26.26 9.18
CA PHE A 89 -16.65 -26.62 8.34
C PHE A 89 -17.13 -28.00 8.82
N CYS A 90 -16.19 -28.95 8.89
CA CYS A 90 -16.45 -30.24 9.45
C CYS A 90 -17.12 -30.13 10.83
N THR A 91 -16.73 -29.20 11.68
CA THR A 91 -17.33 -29.10 12.99
C THR A 91 -18.78 -28.71 12.87
N GLY A 92 -19.06 -27.81 11.94
CA GLY A 92 -20.43 -27.32 11.77
C GLY A 92 -21.30 -28.43 11.17
N LEU A 93 -20.77 -29.18 10.20
CA LEU A 93 -21.44 -30.29 9.58
C LEU A 93 -21.86 -31.28 10.69
N ASP A 94 -20.86 -31.80 11.40
CA ASP A 94 -21.08 -32.65 12.54
C ASP A 94 -22.19 -32.15 13.42
N SER A 95 -22.29 -30.85 13.58
CA SER A 95 -23.37 -30.40 14.44
C SER A 95 -24.74 -30.47 13.75
N VAL A 96 -24.70 -30.28 12.44
CA VAL A 96 -25.89 -30.24 11.65
C VAL A 96 -26.45 -31.69 11.49
N LEU A 97 -25.57 -32.69 11.58
CA LEU A 97 -26.02 -34.05 11.52
C LEU A 97 -26.65 -34.56 12.85
N GLN A 98 -26.52 -33.84 13.92
CA GLN A 98 -26.87 -34.41 15.20
C GLN A 98 -28.38 -34.74 15.36
N PRO A 99 -29.28 -33.88 14.86
CA PRO A 99 -30.69 -34.33 14.99
C PRO A 99 -30.95 -35.68 14.31
N TYR A 100 -30.30 -35.92 13.17
CA TYR A 100 -30.37 -37.17 12.52
C TYR A 100 -29.90 -38.31 13.43
N ARG A 101 -28.68 -38.24 13.96
CA ARG A 101 -28.25 -39.16 14.97
C ARG A 101 -29.33 -39.36 16.07
N GLN A 102 -29.90 -38.27 16.56
CA GLN A 102 -30.90 -38.37 17.59
C GLN A 102 -32.12 -39.21 17.11
N ALA A 103 -32.57 -38.92 15.90
CA ALA A 103 -33.61 -39.69 15.26
C ALA A 103 -33.24 -41.20 15.23
N LEU A 104 -32.01 -41.55 14.90
CA LEU A 104 -31.68 -42.95 14.93
C LEU A 104 -31.79 -43.48 16.34
N LEU A 105 -31.28 -42.73 17.33
CA LEU A 105 -31.42 -43.19 18.68
C LEU A 105 -32.90 -43.35 19.03
N ASP A 106 -33.75 -42.46 18.55
CA ASP A 106 -35.17 -42.55 18.86
C ASP A 106 -35.84 -43.80 18.23
N LEU A 107 -35.48 -44.08 16.99
CA LEU A 107 -35.95 -45.22 16.24
C LEU A 107 -35.54 -46.51 16.93
N GLU A 108 -34.28 -46.55 17.37
CA GLU A 108 -33.75 -47.68 18.08
C GLU A 108 -34.55 -47.98 19.37
N GLN A 109 -34.98 -46.95 20.11
CA GLN A 109 -35.78 -47.20 21.32
C GLN A 109 -37.15 -47.72 20.90
N GLU A 110 -37.68 -47.16 19.82
CA GLU A 110 -38.99 -47.54 19.35
C GLU A 110 -38.99 -48.99 18.93
N PHE A 111 -37.93 -49.42 18.25
CA PHE A 111 -37.82 -50.78 17.77
C PHE A 111 -37.77 -51.70 18.98
N LEU A 112 -37.11 -51.28 20.04
CA LEU A 112 -37.00 -52.08 21.23
C LEU A 112 -38.38 -52.25 21.86
N GLY A 113 -39.18 -51.20 21.85
CA GLY A 113 -40.50 -51.28 22.48
C GLY A 113 -41.59 -51.84 21.56
N ASP A 114 -41.29 -52.05 20.29
CA ASP A 114 -42.28 -52.41 19.34
C ASP A 114 -41.62 -53.18 18.24
N PRO A 115 -41.54 -54.51 18.35
CA PRO A 115 -40.74 -55.15 17.28
C PRO A 115 -41.46 -55.20 15.93
N HIS A 116 -42.64 -54.60 15.82
CA HIS A 116 -43.33 -54.50 14.55
C HIS A 116 -43.09 -53.19 13.79
N LEU A 117 -42.12 -52.38 14.26
CA LEU A 117 -41.65 -51.21 13.49
C LEU A 117 -41.54 -51.53 12.05
N SER A 118 -42.23 -50.76 11.22
CA SER A 118 -42.19 -51.01 9.79
C SER A 118 -41.19 -50.17 9.01
N ILE A 119 -40.79 -50.69 7.87
CA ILE A 119 -40.08 -49.96 6.92
C ILE A 119 -40.76 -48.59 6.71
N SER A 120 -42.08 -48.60 6.66
CA SER A 120 -42.81 -47.39 6.27
C SER A 120 -42.64 -46.34 7.28
N HIS A 121 -42.73 -46.76 8.52
CA HIS A 121 -42.57 -45.85 9.59
C HIS A 121 -41.13 -45.27 9.60
N VAL A 122 -40.11 -46.10 9.36
CA VAL A 122 -38.78 -45.61 9.43
C VAL A 122 -38.66 -44.53 8.38
N ASN A 123 -39.28 -44.73 7.23
CA ASN A 123 -39.12 -43.86 6.10
C ASN A 123 -39.77 -42.53 6.38
N TYR A 124 -40.92 -42.54 7.03
CA TYR A 124 -41.62 -41.34 7.34
C TYR A 124 -40.93 -40.51 8.45
N PHE A 125 -40.50 -41.17 9.51
CA PHE A 125 -39.77 -40.54 10.60
C PHE A 125 -38.49 -39.79 10.18
N LEU A 126 -37.84 -40.27 9.11
CA LEU A 126 -36.55 -39.80 8.66
C LEU A 126 -36.71 -38.93 7.43
N ASP A 127 -37.93 -38.50 7.16
CA ASP A 127 -38.22 -37.77 5.92
C ASP A 127 -37.41 -36.44 5.82
N GLN A 128 -37.55 -35.60 6.85
CA GLN A 128 -36.79 -34.36 6.93
C GLN A 128 -35.32 -34.56 6.57
N PHE A 129 -34.68 -35.61 7.09
CA PHE A 129 -33.26 -35.81 6.75
C PHE A 129 -33.07 -36.14 5.30
N GLN A 130 -34.10 -36.65 4.66
CA GLN A 130 -33.95 -37.07 3.25
C GLN A 130 -34.00 -35.84 2.36
N LEU A 131 -34.64 -34.79 2.85
CA LEU A 131 -34.70 -33.51 2.16
C LEU A 131 -33.39 -32.71 2.35
N LEU A 132 -32.96 -32.60 3.62
CA LEU A 132 -31.74 -31.89 4.02
C LEU A 132 -30.46 -32.45 3.41
N PHE A 133 -30.18 -33.72 3.62
CA PHE A 133 -28.86 -34.24 3.30
C PHE A 133 -28.32 -33.98 1.91
N PRO A 134 -29.14 -34.11 0.88
CA PRO A 134 -28.28 -34.06 -0.32
C PRO A 134 -27.91 -32.64 -0.80
N SER A 135 -28.65 -31.61 -0.37
CA SER A 135 -28.21 -30.23 -0.64
C SER A 135 -26.83 -30.07 0.00
N VAL A 136 -26.77 -30.33 1.31
CA VAL A 136 -25.54 -30.23 2.08
C VAL A 136 -24.50 -31.07 1.44
N MET A 137 -24.84 -32.17 0.83
CA MET A 137 -23.78 -32.97 0.21
C MET A 137 -23.23 -32.29 -1.04
N VAL A 138 -24.03 -31.43 -1.71
CA VAL A 138 -23.42 -30.73 -2.87
C VAL A 138 -22.23 -29.83 -2.45
N VAL A 139 -22.44 -29.07 -1.37
CA VAL A 139 -21.39 -28.30 -0.72
C VAL A 139 -20.15 -29.14 -0.44
N VAL A 140 -20.32 -30.30 0.20
CA VAL A 140 -19.15 -31.13 0.47
C VAL A 140 -18.45 -31.47 -0.80
N GLU A 141 -19.24 -31.70 -1.82
CA GLU A 141 -18.68 -32.19 -3.10
C GLU A 141 -17.94 -31.11 -3.92
N GLN A 142 -18.53 -29.93 -4.03
CA GLN A 142 -17.80 -28.78 -4.60
C GLN A 142 -16.49 -28.60 -3.85
N ILE A 143 -16.56 -28.56 -2.51
CA ILE A 143 -15.33 -28.43 -1.72
C ILE A 143 -14.33 -29.47 -2.10
N LYS A 144 -14.81 -30.67 -2.31
CA LYS A 144 -13.89 -31.81 -2.49
C LYS A 144 -13.23 -31.81 -3.88
N SER A 145 -14.05 -31.55 -4.90
CA SER A 145 -13.56 -31.63 -6.27
C SER A 145 -12.68 -30.41 -6.64
N GLN A 146 -13.14 -29.22 -6.25
CA GLN A 146 -12.37 -27.98 -6.48
C GLN A 146 -11.31 -27.65 -5.42
N LYS A 147 -11.18 -28.46 -4.39
CA LYS A 147 -10.23 -28.15 -3.31
C LYS A 147 -10.41 -26.76 -2.68
N ILE A 148 -11.65 -26.31 -2.52
CA ILE A 148 -11.94 -25.06 -1.89
C ILE A 148 -11.18 -24.89 -0.54
N HIS A 149 -10.46 -23.79 -0.39
CA HIS A 149 -9.51 -23.59 0.70
C HIS A 149 -9.78 -22.33 1.51
N GLY A 150 -9.66 -22.45 2.82
CA GLY A 150 -9.67 -21.28 3.70
C GLY A 150 -10.93 -20.50 3.49
N CYS A 151 -10.79 -19.18 3.36
CA CYS A 151 -11.95 -18.31 3.22
C CYS A 151 -12.80 -18.58 2.00
N GLN A 152 -12.25 -19.25 1.01
CA GLN A 152 -13.12 -19.63 -0.10
C GLN A 152 -14.29 -20.58 0.35
N ILE A 153 -14.06 -21.40 1.37
CA ILE A 153 -15.07 -22.25 1.94
C ILE A 153 -16.19 -21.39 2.37
N LEU A 154 -15.89 -20.21 2.90
CA LEU A 154 -16.98 -19.32 3.33
C LEU A 154 -17.85 -18.84 2.18
N GLU A 155 -17.21 -18.65 1.02
CA GLU A 155 -18.00 -18.16 -0.08
C GLU A 155 -18.96 -19.27 -0.60
N THR A 156 -18.40 -20.46 -0.85
CA THR A 156 -19.22 -21.65 -1.12
C THR A 156 -20.41 -21.87 -0.19
N VAL A 157 -20.16 -21.98 1.11
CA VAL A 157 -21.22 -22.24 2.04
C VAL A 157 -22.21 -21.12 1.90
N TYR A 158 -21.69 -19.90 1.76
CA TYR A 158 -22.58 -18.72 1.69
C TYR A 158 -23.50 -18.74 0.45
N LYS A 159 -22.94 -19.05 -0.70
CA LYS A 159 -23.73 -19.04 -1.94
C LYS A 159 -24.83 -20.09 -1.90
N HIS A 160 -24.42 -21.32 -1.62
CA HIS A 160 -25.41 -22.35 -1.31
C HIS A 160 -26.26 -21.99 -0.12
N SER A 161 -25.76 -21.29 0.88
CA SER A 161 -26.75 -20.89 1.90
C SER A 161 -27.89 -20.09 1.23
N CYS A 162 -27.62 -19.51 0.05
CA CYS A 162 -28.66 -18.70 -0.61
C CYS A 162 -29.70 -19.56 -1.37
N GLY A 163 -29.28 -20.80 -1.75
CA GLY A 163 -30.21 -21.85 -2.28
C GLY A 163 -31.26 -22.29 -1.25
N GLY A 164 -32.48 -21.72 -1.39
CA GLY A 164 -33.57 -21.82 -0.40
C GLY A 164 -34.14 -23.21 -0.13
N LEU A 165 -35.22 -23.24 0.66
CA LEU A 165 -35.78 -24.44 1.34
C LEU A 165 -35.38 -24.24 2.79
N PRO A 166 -36.27 -23.62 3.58
CA PRO A 166 -35.94 -23.17 4.93
C PRO A 166 -34.98 -24.08 5.70
N PRO A 167 -35.21 -25.42 5.74
CA PRO A 167 -34.26 -26.20 6.54
C PRO A 167 -32.87 -26.39 5.92
N VAL A 168 -32.72 -26.39 4.60
CA VAL A 168 -31.34 -26.42 4.06
C VAL A 168 -30.59 -25.07 4.19
N ARG A 169 -31.25 -23.98 3.79
CA ARG A 169 -30.77 -22.63 4.10
C ARG A 169 -30.36 -22.58 5.56
N SER A 170 -31.25 -22.95 6.45
CA SER A 170 -30.92 -22.93 7.86
C SER A 170 -29.69 -23.81 8.26
N ALA A 171 -29.57 -25.00 7.72
CA ALA A 171 -28.42 -25.82 8.09
C ALA A 171 -27.16 -25.06 7.70
N LEU A 172 -27.15 -24.62 6.45
CA LEU A 172 -26.01 -23.95 5.87
C LEU A 172 -25.66 -22.62 6.58
N GLU A 173 -26.65 -21.89 7.04
CA GLU A 173 -26.35 -20.72 7.83
C GLU A 173 -25.59 -21.16 9.04
N LYS A 174 -26.04 -22.22 9.72
CA LYS A 174 -25.37 -22.62 10.94
C LYS A 174 -23.93 -23.01 10.65
N ILE A 175 -23.71 -23.63 9.52
CA ILE A 175 -22.37 -23.97 9.22
C ILE A 175 -21.53 -22.68 8.96
N LEU A 176 -22.13 -21.67 8.32
CA LEU A 176 -21.44 -20.47 7.94
C LEU A 176 -20.93 -19.83 9.23
N ALA A 177 -21.82 -19.74 10.21
CA ALA A 177 -21.53 -19.06 11.48
C ALA A 177 -20.36 -19.67 12.18
N VAL A 178 -20.24 -20.99 12.12
CA VAL A 178 -19.13 -21.63 12.79
C VAL A 178 -17.89 -21.23 12.05
N CYS A 179 -18.01 -21.18 10.72
CA CYS A 179 -16.88 -20.91 9.83
C CYS A 179 -16.43 -19.45 10.01
N HIS A 180 -17.40 -18.53 10.04
CA HIS A 180 -17.17 -17.16 10.37
C HIS A 180 -16.46 -17.01 11.73
N GLY A 181 -16.68 -17.95 12.65
CA GLY A 181 -16.00 -17.93 13.94
C GLY A 181 -14.50 -17.93 13.75
N VAL A 182 -14.01 -18.67 12.76
CA VAL A 182 -12.59 -18.69 12.45
C VAL A 182 -12.15 -17.33 11.84
N MET A 183 -13.00 -16.75 11.01
CA MET A 183 -12.69 -15.47 10.43
C MET A 183 -12.57 -14.41 11.52
N TYR A 184 -13.56 -14.33 12.42
CA TYR A 184 -13.57 -13.33 13.45
C TYR A 184 -12.32 -13.44 14.31
N LYS A 185 -11.91 -14.67 14.58
CA LYS A 185 -10.70 -14.92 15.31
C LYS A 185 -9.47 -14.36 14.56
N GLN A 186 -9.37 -14.62 13.25
CA GLN A 186 -8.23 -14.15 12.53
C GLN A 186 -8.27 -12.61 12.40
N LEU A 187 -9.46 -12.08 12.23
CA LEU A 187 -9.71 -10.70 12.12
C LEU A 187 -9.27 -9.98 13.39
N SER A 188 -9.61 -10.54 14.54
CA SER A 188 -9.45 -9.76 15.71
C SER A 188 -8.00 -9.88 16.17
N ALA A 189 -7.33 -10.96 15.81
CA ALA A 189 -5.91 -10.99 16.05
C ALA A 189 -5.20 -9.91 15.18
N TRP A 190 -5.66 -9.75 13.93
CA TRP A 190 -5.01 -8.85 12.97
C TRP A 190 -5.31 -7.40 13.27
N MET A 191 -6.58 -7.04 13.22
CA MET A 191 -7.04 -5.72 13.57
C MET A 191 -6.71 -5.20 14.98
N LEU A 192 -6.52 -6.06 15.99
CA LEU A 192 -6.40 -5.54 17.37
C LEU A 192 -5.03 -5.84 17.93
N HIS A 193 -4.26 -6.67 17.26
CA HIS A 193 -2.97 -7.01 17.77
C HIS A 193 -1.95 -7.10 16.68
N GLY A 194 -2.30 -6.59 15.50
CA GLY A 194 -1.39 -6.63 14.33
C GLY A 194 -0.79 -7.98 14.04
N LEU A 195 -1.43 -9.05 14.45
CA LEU A 195 -0.89 -10.38 14.17
C LEU A 195 -1.68 -11.13 13.11
N LEU A 196 -0.96 -11.93 12.33
CA LEU A 196 -1.49 -12.72 11.24
C LEU A 196 -1.20 -14.14 11.56
N LEU A 197 -2.13 -14.78 12.27
CA LEU A 197 -2.03 -16.21 12.57
C LEU A 197 -2.70 -17.02 11.46
N ASP A 198 -1.92 -17.36 10.43
CA ASP A 198 -2.50 -17.91 9.22
C ASP A 198 -1.54 -18.84 8.60
N GLN A 199 -1.17 -19.85 9.38
CA GLN A 199 -0.21 -20.83 8.94
C GLN A 199 -0.49 -21.44 7.54
N HIS A 200 -1.77 -21.63 7.21
CA HIS A 200 -2.16 -22.33 5.96
C HIS A 200 -2.60 -21.44 4.82
N GLU A 201 -2.55 -20.12 5.04
CA GLU A 201 -2.78 -19.18 3.96
C GLU A 201 -4.23 -19.20 3.50
N GLU A 202 -5.09 -19.03 4.48
CA GLU A 202 -6.51 -19.11 4.33
C GLU A 202 -7.21 -17.77 4.40
N PHE A 203 -6.45 -16.75 4.83
CA PHE A 203 -7.07 -15.47 5.23
C PHE A 203 -6.83 -14.47 4.12
N PHE A 204 -7.68 -13.48 3.99
CA PHE A 204 -7.53 -12.57 2.85
C PHE A 204 -6.51 -11.40 3.02
N ILE A 205 -5.82 -11.36 4.15
CA ILE A 205 -4.68 -10.50 4.37
C ILE A 205 -3.45 -11.37 4.32
N LYS A 206 -2.48 -11.05 3.47
CA LYS A 206 -1.24 -11.82 3.47
C LYS A 206 -0.01 -10.95 3.75
N GLN A 207 0.99 -11.59 4.35
CA GLN A 207 2.32 -11.04 4.53
C GLN A 207 3.12 -11.16 3.24
N GLY A 208 3.75 -10.07 2.82
CA GLY A 208 4.51 -10.06 1.55
C GLY A 208 4.03 -9.00 0.54
N SER A 253 13.49 -7.51 10.38
CA SER A 253 13.13 -6.64 9.26
C SER A 253 11.75 -5.93 9.47
N LEU A 254 11.17 -5.39 8.39
CA LEU A 254 9.98 -4.51 8.48
C LEU A 254 8.57 -5.14 8.38
N LYS A 255 8.39 -6.12 7.47
CA LYS A 255 7.07 -6.75 7.21
C LYS A 255 6.13 -5.89 6.34
N GLN A 256 5.80 -6.42 5.16
CA GLN A 256 4.79 -5.83 4.27
C GLN A 256 3.48 -6.65 4.26
N PHE A 257 2.36 -6.01 3.94
CA PHE A 257 1.07 -6.66 3.93
C PHE A 257 0.26 -6.22 2.73
N SER A 258 -0.58 -7.12 2.26
CA SER A 258 -1.48 -6.82 1.13
C SER A 258 -2.74 -7.68 1.23
N LEU A 259 -3.72 -7.33 0.42
CA LEU A 259 -4.89 -8.13 0.20
C LEU A 259 -4.62 -9.39 -0.66
N ARG A 260 -5.07 -10.57 -0.24
CA ARG A 260 -5.11 -11.76 -1.14
C ARG A 260 -6.56 -11.81 -1.64
N VAL A 261 -6.79 -11.13 -2.74
CA VAL A 261 -8.13 -10.88 -3.16
C VAL A 261 -8.77 -12.16 -3.75
N GLU A 262 -7.98 -13.12 -4.18
CA GLU A 262 -8.57 -14.28 -4.79
C GLU A 262 -9.16 -15.16 -3.71
N ILE A 263 -8.90 -14.85 -2.44
CA ILE A 263 -9.45 -15.64 -1.38
C ILE A 263 -10.44 -14.84 -0.59
N LEU A 264 -10.73 -13.63 -1.03
CA LEU A 264 -11.67 -12.81 -0.31
C LEU A 264 -13.13 -13.21 -0.60
N PRO A 265 -13.90 -13.53 0.44
CA PRO A 265 -15.26 -13.94 0.18
C PRO A 265 -15.90 -12.83 -0.58
N SER A 266 -16.70 -13.19 -1.57
CA SER A 266 -17.26 -12.24 -2.49
C SER A 266 -18.29 -11.34 -1.88
N TYR A 267 -18.92 -11.73 -0.77
CA TYR A 267 -19.93 -10.85 -0.19
C TYR A 267 -19.26 -9.76 0.70
N ILE A 268 -17.95 -9.84 0.83
CA ILE A 268 -17.18 -8.82 1.53
C ILE A 268 -16.44 -7.96 0.51
N PRO A 269 -16.94 -6.75 0.28
CA PRO A 269 -16.37 -5.86 -0.76
C PRO A 269 -14.89 -5.56 -0.53
N VAL A 270 -14.11 -5.46 -1.61
CA VAL A 270 -12.72 -4.99 -1.51
C VAL A 270 -12.56 -3.71 -0.62
N ARG A 271 -13.45 -2.74 -0.84
CA ARG A 271 -13.47 -1.54 -0.02
C ARG A 271 -13.42 -1.87 1.47
N VAL A 272 -14.22 -2.84 1.91
CA VAL A 272 -14.18 -3.18 3.33
C VAL A 272 -12.87 -3.86 3.71
N ALA A 273 -12.36 -4.70 2.83
CA ALA A 273 -11.11 -5.36 3.12
C ALA A 273 -9.91 -4.40 3.19
N GLU A 274 -9.94 -3.32 2.39
CA GLU A 274 -8.86 -2.32 2.40
C GLU A 274 -8.70 -1.79 3.86
N LYS A 275 -9.82 -1.46 4.47
CA LYS A 275 -9.83 -0.94 5.81
C LYS A 275 -9.30 -1.87 6.84
N ILE A 276 -9.61 -3.15 6.68
CA ILE A 276 -9.15 -4.13 7.62
C ILE A 276 -7.68 -4.18 7.42
N LEU A 277 -7.26 -4.05 6.17
CA LEU A 277 -5.82 -4.11 5.88
C LEU A 277 -5.09 -2.93 6.61
N PHE A 278 -5.63 -1.74 6.44
CA PHE A 278 -5.14 -0.54 7.07
C PHE A 278 -5.07 -0.66 8.58
N VAL A 279 -6.20 -0.98 9.22
CA VAL A 279 -6.17 -1.14 10.68
C VAL A 279 -5.02 -2.07 11.14
N GLY A 280 -4.88 -3.23 10.51
CA GLY A 280 -3.94 -4.18 11.06
C GLY A 280 -2.50 -3.78 10.86
N GLU A 281 -2.19 -3.18 9.73
CA GLU A 281 -0.86 -2.60 9.49
C GLU A 281 -0.49 -1.53 10.53
N SER A 282 -1.40 -0.58 10.71
CA SER A 282 -1.26 0.48 11.67
C SER A 282 -0.88 -0.12 13.00
N VAL A 283 -1.56 -1.19 13.41
CA VAL A 283 -1.22 -1.78 14.68
C VAL A 283 0.10 -2.51 14.63
N GLN A 284 0.34 -3.30 13.60
CA GLN A 284 1.53 -4.15 13.69
C GLN A 284 2.78 -3.28 13.59
N MET A 285 2.59 -2.08 13.06
CA MET A 285 3.68 -1.17 12.91
C MET A 285 4.22 -0.61 14.26
N PHE A 286 3.68 -1.08 15.39
CA PHE A 286 4.28 -0.79 16.66
C PHE A 286 5.40 -1.81 16.91
N GLU A 287 6.60 -1.38 16.54
CA GLU A 287 7.88 -2.00 16.91
C GLU A 287 8.80 -0.80 17.26
N ASN A 288 8.52 -0.19 18.43
CA ASN A 288 9.08 1.10 18.83
C ASN A 288 10.62 1.07 19.01
N ASN A 290 13.31 0.43 20.82
CA ASN A 290 13.76 -0.45 21.91
C ASN A 290 14.15 0.33 23.17
N VAL A 291 13.96 1.65 23.10
CA VAL A 291 14.24 2.55 24.21
C VAL A 291 12.98 3.38 24.59
N ASN A 292 11.92 2.68 25.01
CA ASN A 292 10.68 3.26 25.61
C ASN A 292 9.55 2.19 25.67
N LEU A 293 8.38 2.51 25.10
CA LEU A 293 7.27 1.54 24.86
C LEU A 293 5.91 2.23 24.88
N THR A 294 5.40 2.61 23.70
CA THR A 294 4.18 3.43 23.60
C THR A 294 2.92 2.60 23.39
N SER A 298 -0.65 0.79 22.92
CA SER A 298 -1.58 0.32 21.88
C SER A 298 -2.36 1.50 21.32
N ILE A 299 -2.29 1.62 19.98
CA ILE A 299 -2.97 2.70 19.28
C ILE A 299 -4.48 2.67 19.51
N LEU A 300 -4.95 1.68 20.26
CA LEU A 300 -6.38 1.63 20.62
C LEU A 300 -6.78 2.31 21.98
N LYS A 301 -6.00 2.04 23.06
CA LYS A 301 -6.41 2.26 24.49
C LYS A 301 -6.77 0.88 25.09
N ASN A 302 -7.53 0.87 26.20
CA ASN A 302 -8.37 -0.33 26.53
C ASN A 302 -9.77 -0.10 25.92
N GLN A 303 -9.76 0.76 24.89
CA GLN A 303 -10.72 0.80 23.77
C GLN A 303 -10.52 -0.50 22.99
N GLU A 304 -9.42 -1.17 23.30
CA GLU A 304 -9.16 -2.53 22.90
C GLU A 304 -10.33 -3.45 23.25
N ASP A 305 -10.76 -3.46 24.53
CA ASP A 305 -11.87 -4.31 24.99
C ASP A 305 -13.20 -3.97 24.36
N THR A 306 -13.52 -2.68 24.25
CA THR A 306 -14.75 -2.33 23.55
C THR A 306 -14.77 -2.99 22.15
N PHE A 307 -13.60 -3.15 21.54
CA PHE A 307 -13.52 -3.70 20.19
C PHE A 307 -13.47 -5.21 20.17
N ALA A 308 -12.68 -5.80 21.06
CA ALA A 308 -12.68 -7.25 21.24
C ALA A 308 -14.13 -7.76 21.39
N ALA A 309 -14.96 -6.95 22.06
CA ALA A 309 -16.32 -7.31 22.36
C ALA A 309 -17.25 -7.11 21.19
N GLU A 310 -17.04 -6.09 20.38
CA GLU A 310 -17.85 -5.94 19.18
C GLU A 310 -17.59 -7.10 18.21
N LEU A 311 -16.36 -7.59 18.14
CA LEU A 311 -16.08 -8.72 17.27
C LEU A 311 -16.68 -10.03 17.80
N HIS A 312 -16.59 -10.25 19.11
CA HIS A 312 -17.17 -11.41 19.76
C HIS A 312 -18.68 -11.37 19.62
N ARG A 313 -19.28 -10.21 19.81
CA ARG A 313 -20.70 -10.05 19.52
C ARG A 313 -21.02 -10.56 18.15
N LEU A 314 -20.29 -10.07 17.14
CA LEU A 314 -20.65 -10.34 15.74
C LEU A 314 -20.50 -11.82 15.47
N LYS A 315 -19.49 -12.38 16.12
CA LYS A 315 -19.16 -13.75 15.96
C LYS A 315 -20.34 -14.62 16.38
N GLN A 316 -21.22 -14.04 17.21
CA GLN A 316 -22.33 -14.71 17.86
C GLN A 316 -23.58 -14.62 17.03
N GLN A 317 -23.60 -13.68 16.09
CA GLN A 317 -24.78 -13.51 15.30
C GLN A 317 -25.01 -14.83 14.57
N PRO A 318 -26.28 -15.26 14.48
CA PRO A 318 -26.48 -16.47 13.70
C PRO A 318 -26.52 -16.10 12.21
N LEU A 319 -26.87 -14.86 11.89
CA LEU A 319 -26.85 -14.46 10.50
C LEU A 319 -25.78 -13.40 10.19
N PHE A 320 -25.02 -13.60 9.11
CA PHE A 320 -24.03 -12.62 8.70
C PHE A 320 -24.67 -11.35 8.14
N SER A 321 -24.44 -10.22 8.81
CA SER A 321 -24.92 -8.92 8.31
C SER A 321 -23.73 -8.06 7.78
N LEU A 322 -23.70 -7.76 6.49
CA LEU A 322 -22.66 -6.90 5.96
C LEU A 322 -22.76 -5.49 6.55
N VAL A 323 -23.94 -4.85 6.53
CA VAL A 323 -24.02 -3.54 7.15
C VAL A 323 -23.50 -3.58 8.57
N ASP A 324 -23.96 -4.51 9.38
CA ASP A 324 -23.46 -4.55 10.74
C ASP A 324 -21.93 -4.71 10.79
N PHE A 325 -21.39 -5.57 9.95
CA PHE A 325 -19.98 -5.91 10.01
C PHE A 325 -19.16 -4.68 9.57
N GLU A 326 -19.66 -3.96 8.59
CA GLU A 326 -18.99 -2.81 8.06
C GLU A 326 -18.99 -1.69 9.12
N GLN A 327 -20.10 -1.51 9.82
CA GLN A 327 -20.14 -0.55 10.89
C GLN A 327 -19.05 -0.84 11.90
N VAL A 328 -18.91 -2.09 12.28
CA VAL A 328 -17.84 -2.36 13.23
C VAL A 328 -16.45 -2.08 12.60
N VAL A 329 -16.31 -2.37 11.32
CA VAL A 329 -15.01 -2.15 10.69
C VAL A 329 -14.71 -0.61 10.57
N ASP A 330 -15.66 0.13 10.05
CA ASP A 330 -15.61 1.58 10.02
C ASP A 330 -15.27 2.19 11.34
N ARG A 331 -15.74 1.61 12.44
CA ARG A 331 -15.61 2.25 13.71
C ARG A 331 -14.24 1.97 14.23
N ILE A 332 -13.71 0.79 13.98
CA ILE A 332 -12.37 0.54 14.40
C ILE A 332 -11.40 1.41 13.55
N ARG A 333 -11.74 1.63 12.27
CA ARG A 333 -10.80 2.28 11.37
C ARG A 333 -10.62 3.77 11.77
N SER A 334 -11.73 4.53 11.76
CA SER A 334 -11.82 5.85 12.38
C SER A 334 -10.97 5.98 13.59
N THR A 335 -11.21 5.12 14.55
CA THR A 335 -10.50 5.26 15.77
C THR A 335 -9.00 5.14 15.55
N VAL A 336 -8.57 4.15 14.78
CA VAL A 336 -7.13 3.96 14.53
C VAL A 336 -6.57 5.18 13.77
N ALA A 337 -7.39 5.77 12.92
CA ALA A 337 -7.05 6.89 12.09
C ALA A 337 -6.81 8.16 12.96
N GLU A 338 -7.81 8.51 13.76
CA GLU A 338 -7.69 9.53 14.82
C GLU A 338 -6.51 9.30 15.75
N HIS A 339 -6.31 8.12 16.28
CA HIS A 339 -5.12 7.99 17.10
C HIS A 339 -3.85 8.08 16.35
N LEU A 340 -3.94 7.91 15.04
CA LEU A 340 -2.74 7.95 14.24
C LEU A 340 -2.34 9.39 13.95
N TRP A 341 -3.33 10.22 13.62
CA TRP A 341 -3.15 11.61 13.42
C TRP A 341 -2.49 12.18 14.71
N LYS A 342 -3.19 12.06 15.84
CA LYS A 342 -2.57 12.30 17.16
C LYS A 342 -1.14 11.82 17.27
N LEU A 343 -0.89 10.54 17.07
CA LEU A 343 0.45 10.09 17.33
C LEU A 343 1.45 10.99 16.53
N MET A 344 1.05 11.40 15.33
CA MET A 344 1.97 11.99 14.39
C MET A 344 2.14 13.46 14.65
N VAL A 345 1.01 14.15 14.68
CA VAL A 345 1.00 15.55 14.77
C VAL A 345 1.29 16.02 16.20
N GLU A 346 0.76 15.33 17.23
CA GLU A 346 0.89 15.78 18.63
C GLU A 346 2.00 15.13 19.41
N GLU A 347 2.57 14.04 18.96
CA GLU A 347 3.55 13.43 19.81
C GLU A 347 4.78 13.07 19.08
N SER A 348 4.80 13.23 17.77
CA SER A 348 6.05 12.90 17.07
C SER A 348 6.50 14.04 16.13
N ASP A 349 5.81 15.17 16.20
CA ASP A 349 6.30 16.41 15.60
C ASP A 349 6.36 16.32 14.06
N LEU A 350 5.31 15.74 13.50
CA LEU A 350 5.23 15.63 12.07
C LEU A 350 5.49 17.01 11.42
N LEU A 351 4.75 18.03 11.87
CA LEU A 351 4.85 19.38 11.34
C LEU A 351 6.29 19.89 11.34
N GLY A 352 7.00 19.51 12.37
CA GLY A 352 8.36 19.82 12.54
C GLY A 352 9.28 19.02 11.68
N GLN A 353 8.98 17.75 11.41
CA GLN A 353 9.87 17.06 10.44
C GLN A 353 9.58 17.41 8.99
N LEU A 354 8.38 17.87 8.70
CA LEU A 354 8.11 18.28 7.34
C LEU A 354 9.03 19.46 7.04
N LYS A 355 9.07 20.38 8.03
CA LYS A 355 9.92 21.54 7.96
C LYS A 355 11.37 21.17 7.73
N ILE A 356 11.89 20.24 8.50
CA ILE A 356 13.23 19.78 8.23
C ILE A 356 13.41 19.23 6.84
N ILE A 357 12.33 18.64 6.29
CA ILE A 357 12.48 17.95 5.03
C ILE A 357 12.52 19.04 3.98
N LYS A 358 11.64 20.00 4.18
CA LYS A 358 11.62 21.15 3.31
C LYS A 358 12.96 21.96 3.35
N ASP A 359 13.61 22.02 4.51
CA ASP A 359 14.87 22.73 4.62
C ASP A 359 15.94 22.07 3.86
N PHE A 360 15.86 20.75 3.79
CA PHE A 360 16.95 20.02 3.15
C PHE A 360 16.58 19.53 1.77
N TYR A 361 15.52 18.70 1.66
CA TYR A 361 15.16 18.21 0.31
C TYR A 361 14.74 19.36 -0.60
N LEU A 362 13.95 20.29 -0.07
CA LEU A 362 13.46 21.40 -0.86
C LEU A 362 14.36 22.66 -0.73
N LEU A 363 15.65 22.47 -0.35
CA LEU A 363 16.64 23.56 -0.16
C LEU A 363 16.13 24.81 0.61
N GLY A 364 15.29 24.63 1.62
CA GLY A 364 14.76 25.77 2.31
C GLY A 364 15.85 26.57 3.05
N ARG A 365 16.93 25.91 3.45
CA ARG A 365 18.08 26.54 4.02
C ARG A 365 19.01 26.97 2.93
N GLY A 366 18.58 28.03 2.28
CA GLY A 366 19.31 28.51 1.14
C GLY A 366 20.74 28.85 1.36
N GLU A 367 21.05 29.45 2.53
N GLU A 367 21.10 29.56 2.44
CA GLU A 367 22.44 29.90 2.76
CA GLU A 367 22.56 29.88 2.65
C GLU A 367 23.35 28.67 2.91
C GLU A 367 23.37 28.63 2.84
N LEU A 368 22.91 27.64 3.60
CA LEU A 368 23.75 26.41 3.72
C LEU A 368 24.03 25.79 2.36
N PHE A 369 23.04 25.74 1.50
CA PHE A 369 23.32 25.03 0.21
C PHE A 369 24.24 25.83 -0.69
N GLN A 370 24.07 27.16 -0.64
CA GLN A 370 25.04 28.05 -1.35
C GLN A 370 26.46 27.86 -0.82
N ALA A 371 26.61 27.83 0.51
CA ALA A 371 27.99 27.60 1.04
C ALA A 371 28.44 26.22 0.60
N PHE A 372 27.51 25.25 0.72
CA PHE A 372 27.86 23.87 0.34
C PHE A 372 28.33 23.75 -1.11
N ILE A 373 27.56 24.36 -1.99
CA ILE A 373 27.94 24.29 -3.43
C ILE A 373 29.26 24.90 -3.65
N ASP A 374 29.49 26.04 -3.01
CA ASP A 374 30.80 26.64 -3.21
C ASP A 374 31.93 25.75 -2.65
N THR A 375 31.79 25.22 -1.43
CA THR A 375 32.91 24.37 -0.98
C THR A 375 33.03 23.03 -1.73
N ALA A 376 31.93 22.44 -2.18
CA ALA A 376 32.02 21.06 -2.68
C ALA A 376 32.23 21.02 -4.19
N GLN A 377 32.11 22.17 -4.83
CA GLN A 377 32.23 22.15 -6.28
C GLN A 377 33.48 21.39 -6.72
N HIS A 378 34.63 21.55 -6.07
CA HIS A 378 35.82 20.96 -6.67
C HIS A 378 35.83 19.44 -6.51
N MET A 379 35.12 18.93 -5.50
CA MET A 379 35.13 17.52 -5.29
C MET A 379 33.98 16.78 -5.99
N LEU A 380 33.08 17.51 -6.66
CA LEU A 380 31.88 16.88 -7.21
C LEU A 380 31.87 17.01 -8.72
N LYS A 381 32.78 17.80 -9.27
CA LYS A 381 32.70 18.08 -10.68
C LYS A 381 33.35 16.95 -11.44
N THR A 382 34.05 16.11 -10.71
CA THR A 382 34.67 14.95 -11.28
C THR A 382 33.89 13.70 -10.86
N PRO A 383 34.17 12.60 -11.58
CA PRO A 383 33.58 11.28 -11.30
C PRO A 383 33.86 10.93 -9.86
N PRO A 384 32.87 10.39 -9.16
CA PRO A 384 33.14 10.10 -7.78
C PRO A 384 34.26 9.06 -7.60
N THR A 385 34.76 8.91 -6.38
CA THR A 385 35.72 7.88 -6.05
C THR A 385 35.29 7.40 -4.68
N ALA A 386 36.09 6.51 -4.11
CA ALA A 386 35.72 5.85 -2.86
C ALA A 386 35.60 6.86 -1.76
N VAL A 387 36.36 7.96 -1.82
CA VAL A 387 36.32 8.95 -0.71
C VAL A 387 35.24 10.08 -0.81
N THR A 388 34.73 10.31 -2.02
CA THR A 388 33.79 11.39 -2.27
C THR A 388 32.70 11.50 -1.22
N GLU A 389 32.02 10.42 -0.94
CA GLU A 389 30.88 10.54 -0.06
C GLU A 389 31.31 11.06 1.26
N HIS A 390 32.41 10.52 1.75
CA HIS A 390 32.95 11.01 2.99
C HIS A 390 33.35 12.50 2.89
N ASP A 391 34.12 12.87 1.90
CA ASP A 391 34.60 14.25 1.77
C ASP A 391 33.45 15.28 1.69
N VAL A 392 32.40 14.87 0.99
CA VAL A 392 31.26 15.68 0.70
C VAL A 392 30.44 15.87 1.94
N ASN A 393 30.43 14.88 2.82
CA ASN A 393 29.65 15.07 4.04
C ASN A 393 30.36 15.96 5.01
N VAL A 394 31.68 15.96 4.99
CA VAL A 394 32.43 16.90 5.82
C VAL A 394 32.18 18.35 5.33
N ALA A 395 32.32 18.54 4.01
CA ALA A 395 32.06 19.78 3.33
C ALA A 395 30.67 20.25 3.67
N PHE A 396 29.75 19.31 3.79
CA PHE A 396 28.41 19.69 4.13
C PHE A 396 28.33 20.17 5.58
N GLN A 397 29.03 19.48 6.47
CA GLN A 397 29.12 19.89 7.88
C GLN A 397 29.93 21.14 8.10
N GLN A 398 31.05 21.27 7.42
CA GLN A 398 31.71 22.57 7.45
C GLN A 398 30.79 23.72 6.97
N SER A 399 29.92 23.44 6.01
CA SER A 399 29.08 24.51 5.50
C SER A 399 28.05 24.87 6.52
N ALA A 400 27.54 23.91 7.25
CA ALA A 400 26.55 24.27 8.28
C ALA A 400 27.23 25.15 9.36
N HIS A 401 28.50 24.84 9.66
CA HIS A 401 29.25 25.62 10.64
C HIS A 401 29.41 27.06 10.15
N LYS A 402 29.83 27.16 8.89
CA LYS A 402 30.13 28.41 8.29
C LYS A 402 28.91 29.27 8.32
N VAL A 403 27.75 28.67 8.45
CA VAL A 403 26.57 29.42 8.24
C VAL A 403 25.84 29.52 9.58
N LEU A 404 26.54 29.08 10.62
CA LEU A 404 26.13 29.21 12.01
C LEU A 404 24.86 28.44 12.26
N LEU A 405 24.70 27.32 11.54
CA LEU A 405 23.61 26.39 11.80
C LEU A 405 23.81 25.75 13.18
N ASP A 406 22.89 26.08 14.07
CA ASP A 406 22.94 25.66 15.47
C ASP A 406 22.53 24.19 15.64
N ASP A 407 21.21 23.94 15.64
CA ASP A 407 20.62 22.65 16.02
C ASP A 407 21.62 21.51 15.87
N ASP A 408 22.38 21.32 16.95
CA ASP A 408 23.46 20.36 17.02
C ASP A 408 22.99 18.94 16.67
N ASN A 409 21.68 18.76 16.66
CA ASN A 409 21.05 17.46 16.64
C ASN A 409 20.24 17.10 15.40
N LEU A 410 20.39 17.85 14.31
CA LEU A 410 19.67 17.47 13.10
C LEU A 410 20.57 16.88 12.02
N LEU A 411 21.72 17.51 11.76
CA LEU A 411 22.70 16.93 10.82
C LEU A 411 23.04 15.41 11.05
N PRO A 412 23.26 14.96 12.32
CA PRO A 412 23.38 13.47 12.48
C PRO A 412 22.36 12.65 11.65
N LEU A 413 21.09 13.10 11.66
CA LEU A 413 19.94 12.47 10.99
C LEU A 413 19.80 12.75 9.45
N LEU A 414 20.88 13.25 8.81
CA LEU A 414 20.90 13.66 7.38
C LEU A 414 22.22 13.27 6.79
N HIS A 415 22.24 12.66 5.64
CA HIS A 415 23.50 12.19 5.16
C HIS A 415 23.42 12.38 3.66
N LEU A 416 24.52 12.71 3.02
CA LEU A 416 24.47 12.88 1.60
C LEU A 416 25.05 11.59 1.02
N THR A 417 24.50 11.12 -0.10
CA THR A 417 24.89 9.84 -0.64
C THR A 417 25.56 10.06 -1.97
N ILE A 418 26.47 9.18 -2.31
CA ILE A 418 27.14 9.22 -3.59
C ILE A 418 26.95 7.85 -4.20
N GLU A 419 26.42 7.78 -5.42
CA GLU A 419 26.37 6.53 -6.17
C GLU A 419 27.79 6.18 -6.67
N TYR A 420 28.39 5.14 -6.09
CA TYR A 420 29.75 4.80 -6.48
C TYR A 420 29.95 3.34 -6.90
N HIS A 421 30.14 3.15 -8.22
CA HIS A 421 30.02 1.86 -8.93
C HIS A 421 28.55 1.68 -9.31
N GLY A 422 27.77 1.14 -8.37
CA GLY A 422 26.30 1.11 -8.44
C GLY A 422 25.79 0.68 -7.06
N ALA A 446 29.40 9.49 -13.43
CA ALA A 446 29.83 10.30 -14.59
C ALA A 446 30.30 11.67 -14.06
N SER A 447 29.64 12.13 -13.01
CA SER A 447 30.14 13.24 -12.23
C SER A 447 29.60 13.03 -10.84
N GLY A 448 30.36 13.54 -9.90
CA GLY A 448 29.93 13.49 -8.53
C GLY A 448 28.60 14.18 -8.34
N TRP A 449 28.40 15.35 -8.98
CA TRP A 449 27.07 16.00 -8.84
C TRP A 449 25.94 15.07 -9.30
N ALA A 450 26.14 14.34 -10.40
CA ALA A 450 25.06 13.43 -10.88
C ALA A 450 24.79 12.30 -9.85
N ALA A 451 25.81 11.87 -9.13
CA ALA A 451 25.71 10.75 -8.16
C ALA A 451 25.17 11.08 -6.79
N LEU A 452 24.84 12.35 -6.58
CA LEU A 452 24.64 12.87 -5.26
C LEU A 452 23.19 12.74 -4.87
N GLY A 453 22.94 12.35 -3.64
CA GLY A 453 21.58 12.32 -3.18
C GLY A 453 21.61 12.70 -1.72
N LEU A 454 20.44 12.72 -1.13
CA LEU A 454 20.31 13.05 0.22
C LEU A 454 19.45 11.96 0.87
N SER A 455 19.81 11.60 2.09
CA SER A 455 19.13 10.56 2.82
C SER A 455 18.76 11.04 4.19
N TYR A 456 17.54 10.82 4.58
CA TYR A 456 17.05 11.26 5.85
C TYR A 456 16.68 10.01 6.65
N LYS A 457 17.17 9.91 7.90
CA LYS A 457 16.92 8.76 8.77
C LYS A 457 15.67 9.01 9.55
N VAL A 458 14.51 8.69 8.97
CA VAL A 458 13.21 8.85 9.67
C VAL A 458 13.18 7.93 10.88
N GLN A 459 12.40 8.33 11.89
CA GLN A 459 12.29 7.59 13.13
C GLN A 459 10.84 7.22 13.34
N TRP A 460 10.68 6.09 14.03
CA TRP A 460 9.40 5.62 14.52
C TRP A 460 8.77 6.77 15.21
N PRO A 461 7.51 7.04 14.90
CA PRO A 461 6.65 6.24 14.05
C PRO A 461 6.49 6.83 12.66
N LEU A 462 7.37 7.75 12.27
CA LEU A 462 7.07 8.57 11.10
C LEU A 462 7.33 7.87 9.78
N HIS A 463 8.03 6.75 9.80
CA HIS A 463 8.29 6.00 8.58
C HIS A 463 6.99 5.46 7.97
N ILE A 464 5.89 5.42 8.72
CA ILE A 464 4.73 5.04 8.03
C ILE A 464 4.24 6.12 7.11
N LEU A 465 4.84 7.30 7.16
CA LEU A 465 4.44 8.34 6.24
C LEU A 465 5.63 8.49 5.35
N PHE A 466 6.80 8.57 5.93
CA PHE A 466 8.00 8.73 5.12
C PHE A 466 8.56 7.39 4.75
N THR A 467 7.87 6.71 3.83
CA THR A 467 8.23 5.33 3.44
C THR A 467 9.43 5.49 2.52
N PRO A 468 10.09 4.39 2.16
CA PRO A 468 11.27 4.66 1.32
C PRO A 468 10.92 5.18 -0.08
N ALA A 469 9.72 4.91 -0.57
CA ALA A 469 9.39 5.36 -1.89
C ALA A 469 9.16 6.88 -1.81
N VAL A 470 8.40 7.35 -0.83
CA VAL A 470 8.29 8.76 -0.50
C VAL A 470 9.68 9.48 -0.47
N LEU A 471 10.67 8.93 0.20
CA LEU A 471 11.95 9.60 0.31
C LEU A 471 12.71 9.58 -0.97
N GLU A 472 12.42 8.58 -1.80
N GLU A 472 12.45 8.61 -1.84
CA GLU A 472 12.96 8.46 -3.16
CA GLU A 472 13.12 8.63 -3.15
C GLU A 472 12.47 9.62 -4.03
C GLU A 472 12.50 9.69 -4.05
N LYS A 473 11.20 9.95 -3.88
CA LYS A 473 10.57 11.02 -4.58
C LYS A 473 11.15 12.43 -4.18
N TYR A 474 11.12 12.74 -2.88
CA TYR A 474 11.85 13.90 -2.33
C TYR A 474 13.20 13.98 -2.90
N ASN A 475 13.85 12.84 -3.00
CA ASN A 475 15.21 12.90 -3.40
C ASN A 475 15.31 13.33 -4.86
N VAL A 476 14.32 12.95 -5.68
CA VAL A 476 14.37 13.32 -7.09
C VAL A 476 14.12 14.89 -7.15
N VAL A 477 13.17 15.40 -6.37
CA VAL A 477 12.95 16.86 -6.31
C VAL A 477 14.25 17.61 -5.87
N PHE A 478 14.89 17.12 -4.82
CA PHE A 478 16.12 17.59 -4.40
C PHE A 478 17.08 17.80 -5.56
N LYS A 479 17.23 16.81 -6.42
CA LYS A 479 18.24 16.98 -7.44
C LYS A 479 17.85 18.00 -8.48
N TYR A 480 16.57 18.19 -8.75
CA TYR A 480 16.19 19.19 -9.73
C TYR A 480 16.46 20.59 -9.09
N LEU A 481 16.07 20.75 -7.82
CA LEU A 481 16.25 22.02 -7.13
C LEU A 481 17.74 22.32 -7.08
N LEU A 482 18.51 21.34 -6.65
CA LEU A 482 19.92 21.59 -6.47
C LEU A 482 20.58 21.95 -7.76
N SER A 483 20.17 21.33 -8.84
CA SER A 483 20.72 21.68 -10.13
C SER A 483 20.53 23.11 -10.58
N VAL A 484 19.33 23.61 -10.33
CA VAL A 484 19.00 24.97 -10.68
C VAL A 484 19.91 25.91 -9.82
N ARG A 485 20.09 25.60 -8.53
CA ARG A 485 20.88 26.37 -7.61
C ARG A 485 22.33 26.33 -8.03
N ARG A 486 22.74 25.23 -8.58
CA ARG A 486 24.10 25.16 -8.90
C ARG A 486 24.45 25.90 -10.18
N VAL A 487 23.61 25.81 -11.20
CA VAL A 487 23.88 26.55 -12.42
C VAL A 487 23.77 28.09 -12.10
N GLN A 488 22.89 28.49 -11.17
CA GLN A 488 22.88 29.90 -10.70
C GLN A 488 24.20 30.27 -10.10
N ALA A 489 24.78 29.38 -9.28
CA ALA A 489 26.06 29.72 -8.64
C ALA A 489 27.11 29.83 -9.68
N GLU A 490 27.04 29.04 -10.72
CA GLU A 490 28.17 29.04 -11.63
C GLU A 490 28.04 30.25 -12.52
N LEU A 491 26.81 30.70 -12.73
CA LEU A 491 26.58 31.85 -13.51
C LEU A 491 27.15 33.08 -12.75
N GLN A 492 26.75 33.23 -11.50
CA GLN A 492 27.31 34.26 -10.63
C GLN A 492 28.86 34.25 -10.59
N HIS A 493 29.45 33.07 -10.57
CA HIS A 493 30.88 33.01 -10.50
C HIS A 493 31.55 33.41 -11.82
N CYS A 494 30.91 33.08 -12.93
CA CYS A 494 31.40 33.44 -14.24
C CYS A 494 31.50 34.98 -14.43
N TRP A 495 30.45 35.70 -14.09
CA TRP A 495 30.48 37.18 -14.06
C TRP A 495 31.58 37.68 -13.10
N ALA A 496 31.55 37.24 -11.84
CA ALA A 496 32.60 37.62 -10.84
C ALA A 496 34.04 37.45 -11.38
N LEU A 497 34.33 36.31 -11.93
CA LEU A 497 35.65 36.12 -12.45
C LEU A 497 35.99 37.24 -13.48
N GLN A 498 34.99 37.69 -14.25
CA GLN A 498 35.25 38.61 -15.37
C GLN A 498 35.36 40.04 -14.92
N MET A 499 34.89 40.31 -13.73
CA MET A 499 34.97 41.61 -13.10
C MET A 499 36.28 41.80 -12.37
N GLN A 500 37.19 40.84 -12.43
CA GLN A 500 38.46 40.94 -11.73
C GLN A 500 39.46 41.67 -12.57
N ARG A 501 40.36 42.43 -11.92
CA ARG A 501 41.36 43.23 -12.59
C ARG A 501 41.94 42.57 -13.84
N LYS A 502 42.34 41.32 -13.74
N LYS A 502 42.32 41.31 -13.71
CA LYS A 502 43.02 40.69 -14.85
CA LYS A 502 42.95 40.56 -14.80
C LYS A 502 42.15 40.52 -16.11
C LYS A 502 42.13 40.51 -16.09
N HIS A 503 40.82 40.61 -15.97
CA HIS A 503 39.92 40.46 -17.10
C HIS A 503 39.34 41.79 -17.52
N LEU A 504 39.62 42.86 -16.80
CA LEU A 504 39.07 44.13 -17.18
C LEU A 504 39.89 44.70 -18.33
N LYS A 505 39.21 45.47 -19.19
CA LYS A 505 39.82 46.06 -20.38
C LYS A 505 39.77 47.56 -20.27
N SER A 506 39.09 48.07 -19.26
CA SER A 506 39.09 49.50 -19.04
C SER A 506 38.45 50.28 -20.22
N ASN A 507 37.51 49.67 -20.93
CA ASN A 507 36.80 50.33 -22.01
C ASN A 507 35.33 49.97 -21.89
N GLN A 508 34.67 49.79 -23.03
CA GLN A 508 33.24 49.58 -23.04
C GLN A 508 32.75 48.17 -22.69
N THR A 509 33.55 47.14 -23.02
CA THR A 509 33.18 45.80 -22.61
C THR A 509 33.03 45.75 -21.09
N ASP A 510 33.79 46.56 -20.35
CA ASP A 510 33.64 46.54 -18.91
C ASP A 510 32.22 46.89 -18.49
N ALA A 511 31.67 47.93 -19.08
CA ALA A 511 30.35 48.40 -18.63
C ALA A 511 29.25 47.45 -19.13
N ILE A 512 29.49 46.82 -20.26
CA ILE A 512 28.59 45.80 -20.73
C ILE A 512 28.57 44.57 -19.75
N LYS A 513 29.75 44.02 -19.40
CA LYS A 513 29.89 42.95 -18.40
C LYS A 513 29.05 43.40 -17.21
N TRP A 514 29.23 44.66 -16.80
CA TRP A 514 28.61 45.13 -15.59
C TRP A 514 27.08 45.14 -15.66
N ARG A 515 26.55 45.56 -16.81
CA ARG A 515 25.11 45.61 -17.01
C ARG A 515 24.52 44.18 -17.07
N LEU A 516 25.12 43.32 -17.89
CA LEU A 516 24.72 41.91 -18.02
C LEU A 516 24.69 41.19 -16.64
N ARG A 517 25.77 41.35 -15.88
CA ARG A 517 25.84 40.78 -14.54
C ARG A 517 24.69 41.22 -13.65
N ASN A 518 24.46 42.52 -13.62
CA ASN A 518 23.36 43.06 -12.82
C ASN A 518 21.99 42.60 -13.32
N HIS A 519 21.79 42.61 -14.64
CA HIS A 519 20.55 42.04 -15.19
C HIS A 519 20.35 40.52 -14.82
N MET A 520 21.40 39.71 -15.05
CA MET A 520 21.34 38.28 -14.68
C MET A 520 21.00 38.10 -13.19
N ALA A 521 21.47 38.97 -12.33
CA ALA A 521 21.22 38.78 -10.92
C ALA A 521 19.82 39.19 -10.59
N PHE A 522 19.32 40.18 -11.32
CA PHE A 522 17.93 40.55 -11.15
C PHE A 522 17.00 39.36 -11.59
N LEU A 523 17.30 38.85 -12.77
CA LEU A 523 16.64 37.69 -13.35
C LEU A 523 16.55 36.50 -12.36
N VAL A 524 17.71 36.10 -11.88
CA VAL A 524 17.83 35.00 -11.00
C VAL A 524 17.14 35.24 -9.70
N ASP A 525 17.28 36.46 -9.14
CA ASP A 525 16.58 36.70 -7.88
C ASP A 525 15.07 36.60 -8.06
N ASN A 526 14.57 36.97 -9.23
CA ASN A 526 13.14 36.87 -9.43
C ASN A 526 12.65 35.40 -9.70
N LEU A 527 13.44 34.61 -10.46
CA LEU A 527 13.22 33.17 -10.64
C LEU A 527 13.07 32.57 -9.27
N GLN A 528 14.05 32.84 -8.40
CA GLN A 528 14.04 32.20 -7.10
C GLN A 528 12.91 32.67 -6.26
N TYR A 529 12.56 33.96 -6.38
CA TYR A 529 11.43 34.46 -5.62
C TYR A 529 10.15 33.66 -6.00
N TYR A 530 9.83 33.59 -7.28
CA TYR A 530 8.53 33.03 -7.68
C TYR A 530 8.55 31.46 -7.54
N LEU A 531 9.70 30.83 -7.84
CA LEU A 531 9.86 29.37 -7.69
C LEU A 531 9.60 29.07 -6.26
N GLN A 532 10.17 29.87 -5.37
CA GLN A 532 9.98 29.59 -3.97
C GLN A 532 8.65 29.99 -3.42
N VAL A 533 8.04 31.06 -3.91
CA VAL A 533 6.83 31.54 -3.26
C VAL A 533 5.56 30.94 -3.86
N ASP A 534 5.44 30.95 -5.17
CA ASP A 534 4.27 30.40 -5.85
C ASP A 534 4.32 28.88 -6.01
N VAL A 535 5.46 28.25 -5.74
CA VAL A 535 5.57 26.81 -5.90
C VAL A 535 5.79 26.20 -4.53
N LEU A 536 6.99 26.26 -3.97
CA LEU A 536 7.26 25.60 -2.71
C LEU A 536 6.42 26.02 -1.52
N GLU A 537 6.55 27.29 -1.13
CA GLU A 537 5.86 27.83 0.03
C GLU A 537 4.39 27.64 -0.10
N SER A 538 3.89 27.89 -1.26
CA SER A 538 2.47 27.89 -1.30
C SER A 538 1.95 26.41 -1.25
N GLN A 539 2.62 25.50 -1.94
CA GLN A 539 2.26 24.08 -1.83
C GLN A 539 2.49 23.63 -0.37
N PHE A 540 3.56 24.05 0.26
CA PHE A 540 3.83 23.52 1.57
C PHE A 540 2.76 23.99 2.53
N SER A 541 2.33 25.20 2.26
CA SER A 541 1.30 25.85 2.99
C SER A 541 0.00 25.09 3.03
N GLN A 542 -0.53 24.79 1.85
CA GLN A 542 -1.66 23.89 1.72
C GLN A 542 -1.41 22.56 2.43
N LEU A 543 -0.24 21.97 2.28
CA LEU A 543 -0.03 20.74 2.97
C LEU A 543 -0.31 20.91 4.47
N LEU A 544 0.24 21.96 5.09
CA LEU A 544 0.11 22.14 6.53
C LEU A 544 -1.32 22.40 6.92
N HIS A 545 -2.04 23.16 6.10
CA HIS A 545 -3.42 23.43 6.35
C HIS A 545 -4.26 22.16 6.35
N GLN A 546 -4.14 21.38 5.27
CA GLN A 546 -4.79 20.10 5.16
C GLN A 546 -4.48 19.29 6.39
N ILE A 547 -3.22 19.18 6.75
CA ILE A 547 -2.90 18.40 7.92
C ILE A 547 -3.55 18.90 9.21
N ASN A 548 -3.77 20.21 9.30
CA ASN A 548 -4.17 20.79 10.58
C ASN A 548 -5.66 20.83 10.66
N SER A 549 -6.31 20.79 9.52
CA SER A 549 -7.73 20.95 9.59
C SER A 549 -8.47 19.61 9.38
N THR A 550 -7.82 18.51 9.80
CA THR A 550 -8.38 17.17 9.78
C THR A 550 -7.85 16.42 10.98
N ARG A 551 -8.57 15.37 11.38
CA ARG A 551 -8.11 14.53 12.48
C ARG A 551 -7.88 13.07 12.07
N ASP A 552 -7.90 12.80 10.75
CA ASP A 552 -7.73 11.45 10.17
C ASP A 552 -6.34 11.24 9.57
N PHE A 553 -5.59 10.24 9.98
CA PHE A 553 -4.34 10.02 9.31
C PHE A 553 -4.40 9.90 7.77
N GLU A 554 -5.48 9.37 7.23
CA GLU A 554 -5.45 9.02 5.83
C GLU A 554 -5.61 10.30 5.04
N SER A 555 -6.20 11.31 5.66
CA SER A 555 -6.22 12.64 5.08
C SER A 555 -4.84 13.31 4.99
N ILE A 556 -3.95 12.99 5.90
CA ILE A 556 -2.58 13.43 5.86
C ILE A 556 -1.85 12.76 4.67
N ARG A 557 -1.87 11.40 4.59
CA ARG A 557 -1.21 10.68 3.51
C ARG A 557 -1.65 11.18 2.15
N LEU A 558 -2.94 11.41 2.06
CA LEU A 558 -3.53 11.91 0.91
C LEU A 558 -2.95 13.28 0.51
N ALA A 559 -3.08 14.27 1.38
CA ALA A 559 -2.50 15.60 1.14
C ALA A 559 -1.01 15.50 0.87
N HIS A 560 -0.32 14.67 1.62
CA HIS A 560 1.09 14.55 1.35
C HIS A 560 1.39 14.01 -0.03
N ASP A 561 0.59 13.05 -0.51
CA ASP A 561 0.86 12.41 -1.80
C ASP A 561 0.60 13.43 -2.90
N HIS A 562 -0.40 14.27 -2.73
CA HIS A 562 -0.72 15.34 -3.69
C HIS A 562 0.43 16.37 -3.76
N PHE A 563 0.88 16.82 -2.59
CA PHE A 563 2.05 17.70 -2.46
C PHE A 563 3.25 17.13 -3.14
N LEU A 564 3.59 15.88 -2.81
CA LEU A 564 4.82 15.36 -3.40
C LEU A 564 4.67 15.16 -4.89
N SER A 565 3.48 14.75 -5.31
CA SER A 565 3.25 14.54 -6.72
C SER A 565 3.33 15.86 -7.51
N ASN A 566 2.77 16.93 -6.94
CA ASN A 566 2.93 18.24 -7.57
C ASN A 566 4.37 18.72 -7.65
N LEU A 567 5.18 18.44 -6.61
CA LEU A 567 6.59 18.79 -6.69
C LEU A 567 7.31 18.10 -7.77
N LEU A 568 6.88 16.87 -8.05
CA LEU A 568 7.58 16.15 -9.06
C LEU A 568 7.15 16.72 -10.40
N ALA A 569 5.86 16.98 -10.59
CA ALA A 569 5.42 17.51 -11.89
C ALA A 569 6.15 18.86 -12.16
N GLN A 570 6.23 19.72 -11.13
CA GLN A 570 6.98 21.02 -11.29
C GLN A 570 8.45 20.85 -11.55
N SER A 571 9.08 19.85 -10.97
CA SER A 571 10.47 19.63 -11.30
C SER A 571 10.62 19.36 -12.76
N PHE A 572 9.75 18.51 -13.32
CA PHE A 572 9.92 18.11 -14.74
C PHE A 572 9.44 19.21 -15.69
N ILE A 573 8.40 19.95 -15.32
CA ILE A 573 7.81 20.93 -16.20
C ILE A 573 8.43 22.39 -16.07
N LEU A 574 8.79 22.85 -14.84
CA LEU A 574 9.43 24.17 -14.51
C LEU A 574 10.94 24.09 -14.28
N LEU A 575 11.36 23.31 -13.29
CA LEU A 575 12.82 23.26 -12.99
C LEU A 575 13.65 22.86 -14.15
N LYS A 576 13.14 21.93 -14.93
CA LYS A 576 14.02 21.42 -15.98
C LYS A 576 14.25 22.51 -17.05
N PRO A 577 13.18 23.13 -17.57
CA PRO A 577 13.43 24.19 -18.55
C PRO A 577 14.10 25.45 -17.95
N VAL A 578 13.78 25.80 -16.71
CA VAL A 578 14.56 26.84 -16.05
C VAL A 578 16.05 26.45 -16.06
N PHE A 579 16.38 25.20 -15.70
CA PHE A 579 17.78 24.85 -15.61
C PHE A 579 18.33 25.00 -17.01
N HIS A 580 17.59 24.57 -18.02
CA HIS A 580 18.21 24.57 -19.36
C HIS A 580 18.49 26.04 -19.87
N CYS A 581 17.56 26.98 -19.65
CA CYS A 581 17.77 28.43 -20.02
C CYS A 581 18.97 29.05 -19.26
N LEU A 582 19.03 28.80 -17.95
CA LEU A 582 20.15 29.29 -17.14
C LEU A 582 21.44 28.74 -17.64
N ASN A 583 21.43 27.49 -18.01
CA ASN A 583 22.67 26.85 -18.51
C ASN A 583 23.07 27.42 -19.86
N GLU A 584 22.08 27.78 -20.66
CA GLU A 584 22.34 28.49 -21.90
C GLU A 584 22.98 29.88 -21.64
N ILE A 585 22.39 30.62 -20.69
CA ILE A 585 22.99 31.88 -20.27
C ILE A 585 24.46 31.64 -19.82
N LEU A 586 24.67 30.64 -18.99
CA LEU A 586 26.02 30.28 -18.63
C LEU A 586 26.95 30.01 -19.79
N ASP A 587 26.53 29.29 -20.84
CA ASP A 587 27.46 29.13 -21.96
C ASP A 587 27.75 30.45 -22.63
N LEU A 588 26.72 31.28 -22.80
CA LEU A 588 26.89 32.62 -23.34
C LEU A 588 27.89 33.42 -22.49
N CYS A 589 27.77 33.33 -21.17
CA CYS A 589 28.70 34.01 -20.27
C CYS A 589 30.14 33.59 -20.53
N HIS A 590 30.41 32.30 -20.69
CA HIS A 590 31.77 31.85 -20.88
C HIS A 590 32.26 32.30 -22.21
N SER A 591 31.33 32.33 -23.14
CA SER A 591 31.60 32.78 -24.48
C SER A 591 31.95 34.26 -24.50
N PHE A 592 31.14 35.06 -23.85
CA PHE A 592 31.47 36.43 -23.71
C PHE A 592 32.90 36.55 -23.14
N CYS A 593 33.13 35.94 -21.97
CA CYS A 593 34.45 36.01 -21.32
C CYS A 593 35.54 35.66 -22.29
N SER A 594 35.32 34.63 -23.05
CA SER A 594 36.36 34.23 -23.97
C SER A 594 36.52 35.22 -25.17
N LEU A 595 35.45 35.85 -25.61
CA LEU A 595 35.61 36.77 -26.70
C LEU A 595 36.42 38.01 -26.22
N VAL A 596 36.02 38.58 -25.09
CA VAL A 596 36.68 39.76 -24.56
C VAL A 596 38.15 39.45 -24.33
N SER A 597 38.43 38.25 -23.84
CA SER A 597 39.81 37.97 -23.52
C SER A 597 40.72 37.88 -24.76
N GLN A 598 40.16 38.05 -25.96
CA GLN A 598 41.01 38.07 -27.18
C GLN A 598 41.62 39.41 -27.62
N ASN A 599 41.38 40.47 -26.85
CA ASN A 599 42.11 41.74 -27.00
C ASN A 599 42.08 42.28 -28.45
N LEU A 600 40.92 42.14 -29.08
CA LEU A 600 40.68 42.70 -30.42
C LEU A 600 40.67 44.23 -30.33
N LEU A 603 37.39 48.09 -31.44
CA LEU A 603 36.44 48.29 -32.54
C LEU A 603 36.69 47.47 -33.82
N ASP A 604 37.38 46.34 -33.67
CA ASP A 604 37.55 45.30 -34.72
C ASP A 604 36.17 44.86 -35.27
N GLU A 605 36.13 44.50 -36.57
CA GLU A 605 34.89 44.07 -37.28
C GLU A 605 34.19 42.85 -36.67
N ARG A 606 34.80 41.66 -36.79
CA ARG A 606 34.25 40.42 -36.19
C ARG A 606 33.95 40.50 -34.67
N GLY A 607 34.70 41.33 -33.95
CA GLY A 607 34.54 41.50 -32.50
C GLY A 607 33.20 42.10 -32.12
N ALA A 608 32.87 43.22 -32.76
CA ALA A 608 31.55 43.88 -32.58
C ALA A 608 30.37 43.03 -33.08
N ALA A 609 30.66 42.12 -34.05
CA ALA A 609 29.66 41.17 -34.55
C ALA A 609 29.33 40.14 -33.48
N GLN A 610 30.33 39.32 -33.14
CA GLN A 610 30.24 38.37 -32.04
C GLN A 610 29.56 39.01 -30.84
N LEU A 611 30.09 40.16 -30.46
CA LEU A 611 29.58 40.85 -29.32
C LEU A 611 28.07 40.97 -29.38
N SER A 612 27.54 41.22 -30.58
CA SER A 612 26.13 41.49 -30.71
C SER A 612 25.33 40.18 -30.72
N ILE A 613 25.82 39.16 -31.41
CA ILE A 613 25.24 37.84 -31.29
C ILE A 613 25.11 37.43 -29.79
N LEU A 614 26.19 37.55 -29.01
CA LEU A 614 26.15 37.18 -27.61
C LEU A 614 25.08 37.95 -26.86
N VAL A 615 24.95 39.25 -27.15
CA VAL A 615 23.99 40.10 -26.41
C VAL A 615 22.54 39.78 -26.75
N LYS A 616 22.31 39.30 -27.96
CA LYS A 616 20.97 38.89 -28.36
C LYS A 616 20.64 37.55 -27.72
N GLY A 617 21.63 36.64 -27.67
CA GLY A 617 21.54 35.43 -26.85
C GLY A 617 21.03 35.74 -25.44
N PHE A 618 21.70 36.65 -24.73
CA PHE A 618 21.42 36.81 -23.32
C PHE A 618 20.00 37.27 -23.24
N SER A 619 19.71 38.14 -24.19
CA SER A 619 18.44 38.84 -24.22
C SER A 619 17.28 37.91 -24.54
N ARG A 620 17.48 37.02 -25.47
CA ARG A 620 16.46 36.07 -25.77
C ARG A 620 16.19 35.02 -24.61
N GLN A 621 17.27 34.38 -24.10
CA GLN A 621 17.20 33.54 -22.88
C GLN A 621 16.56 34.28 -21.75
N SER A 622 16.88 35.56 -21.62
CA SER A 622 16.31 36.27 -20.50
C SER A 622 14.80 36.43 -20.67
N SER A 623 14.42 36.74 -21.88
CA SER A 623 13.03 36.97 -22.18
C SER A 623 12.19 35.67 -22.01
N LEU A 624 12.74 34.58 -22.49
CA LEU A 624 12.14 33.30 -22.27
C LEU A 624 11.92 32.91 -20.77
N LEU A 625 12.92 33.11 -19.94
CA LEU A 625 12.77 32.85 -18.53
C LEU A 625 11.64 33.67 -17.98
N PHE A 626 11.58 34.92 -18.45
CA PHE A 626 10.48 35.76 -17.95
C PHE A 626 9.17 35.21 -18.43
N LYS A 627 9.07 34.81 -19.69
CA LYS A 627 7.81 34.17 -20.11
C LYS A 627 7.49 32.89 -19.27
N ILE A 628 8.51 32.08 -18.96
CA ILE A 628 8.30 30.89 -18.17
C ILE A 628 7.71 31.24 -16.84
N LEU A 629 8.18 32.36 -16.28
CA LEU A 629 7.64 32.83 -15.01
C LEU A 629 6.14 33.15 -14.97
N SER A 630 5.50 33.58 -16.04
CA SER A 630 4.02 33.65 -15.87
C SER A 630 3.39 32.30 -15.59
N SER A 631 3.91 31.24 -16.23
CA SER A 631 3.34 29.92 -16.08
C SER A 631 3.51 29.59 -14.67
N VAL A 632 4.70 29.84 -14.15
CA VAL A 632 4.93 29.54 -12.75
C VAL A 632 3.81 30.18 -11.91
N ARG A 633 3.35 31.35 -12.33
CA ARG A 633 2.42 32.09 -11.49
C ARG A 633 1.00 31.53 -11.62
N ASN A 634 0.55 31.37 -12.87
CA ASN A 634 -0.75 30.73 -13.18
C ASN A 634 -0.87 29.24 -12.80
N HIS A 635 0.24 28.54 -12.64
CA HIS A 635 0.15 27.07 -12.55
C HIS A 635 -0.58 26.48 -13.79
N GLN A 636 -0.35 27.07 -14.97
CA GLN A 636 -0.76 26.50 -16.22
C GLN A 636 0.39 26.63 -17.16
N ILE A 637 0.55 25.68 -18.04
CA ILE A 637 1.63 25.76 -18.99
C ILE A 637 1.23 26.74 -20.11
N ASN A 638 2.06 27.71 -20.48
CA ASN A 638 1.68 28.57 -21.58
C ASN A 638 2.40 28.16 -22.84
N SER A 639 2.09 28.82 -23.96
CA SER A 639 2.60 28.35 -25.24
C SER A 639 4.07 28.39 -25.29
N ASP A 640 4.66 29.42 -24.68
CA ASP A 640 6.10 29.59 -24.69
C ASP A 640 6.82 28.44 -23.96
N LEU A 641 6.32 28.11 -22.78
CA LEU A 641 6.80 27.02 -22.01
C LEU A 641 6.55 25.65 -22.80
N ALA A 642 5.34 25.46 -23.25
CA ALA A 642 5.03 24.30 -24.12
C ALA A 642 5.98 24.16 -25.27
N GLN A 643 6.20 25.23 -26.04
CA GLN A 643 7.15 25.03 -27.17
C GLN A 643 8.52 24.83 -26.72
N LEU A 644 8.88 25.45 -25.61
CA LEU A 644 10.27 25.22 -25.20
C LEU A 644 10.44 23.72 -24.76
N LEU A 645 9.50 23.21 -23.97
CA LEU A 645 9.54 21.76 -23.59
C LEU A 645 9.60 20.88 -24.87
N LEU A 646 8.76 21.23 -25.83
CA LEU A 646 8.83 20.53 -27.12
C LEU A 646 10.18 20.59 -27.78
N ARG A 647 10.76 21.80 -27.90
CA ARG A 647 12.11 21.90 -28.48
C ARG A 647 13.12 21.08 -27.73
N LEU A 648 13.01 21.03 -26.41
CA LEU A 648 13.98 20.24 -25.66
C LEU A 648 13.87 18.71 -25.92
N ASP A 649 12.66 18.18 -26.05
CA ASP A 649 12.44 16.77 -26.45
C ASP A 649 12.90 16.55 -27.91
N TYR A 650 12.61 17.49 -28.78
CA TYR A 650 13.16 17.39 -30.13
C TYR A 650 14.69 17.32 -30.18
N ASN A 651 15.39 18.10 -29.38
CA ASN A 651 16.87 18.02 -29.34
C ASN A 651 17.42 16.71 -28.80
N LYS A 652 16.72 16.10 -27.84
CA LYS A 652 17.16 14.87 -27.20
C LYS A 652 17.07 13.70 -28.18
N TYR A 653 15.99 13.68 -28.96
CA TYR A 653 15.66 12.55 -29.83
C TYR A 653 16.10 12.71 -31.27
N TYR A 654 15.82 13.86 -31.87
CA TYR A 654 16.33 14.12 -33.21
C TYR A 654 17.59 14.96 -33.11
#